data_9GP3
#
_entry.id   9GP3
#
_cell.length_a   100.629
_cell.length_b   100.629
_cell.length_c   150.06
_cell.angle_alpha   90
_cell.angle_beta   90
_cell.angle_gamma   90
#
_symmetry.space_group_name_H-M   'P 41 21 2'
#
loop_
_entity.id
_entity.type
_entity.pdbx_description
1 polymer 'Cyclin-dependent kinase 2'
2 polymer 'G1/S-specific cyclin-E1'
3 non-polymer (3~{S})-~{N}-ethyl-3-[[9-ethyl-2-[[(2~{R},3~{S})-2-oxidanylpentan-3-yl]amino]purin-6-yl]amino]pyrrolidine-1-sulfonamide
4 water water
#
loop_
_entity_poly.entity_id
_entity_poly.type
_entity_poly.pdbx_seq_one_letter_code
_entity_poly.pdbx_strand_id
1 'polypeptide(L)'
;MENFQKVEKIGEGTYGVVYKARNKLTGEVVALKKIRLDTETEGVPSTAIREISLLKELNHPNIVKLLDVIHTENKLYLVF
EFLHQDLKKFMDASALTGIPLPLIKSYLFQLLQGLAFCHSHRVLHRDLKPQNLLINTEGAIKLADFGLARAFGVPVRTYT
HEVVTLWYRAPEILLGCKYYSTAVDIWSLGCIFAEMVTRRALFPGDSEIDQLFRIFRTLGTPDEVVWPGVTSMPDYKPSF
PKWARQDFSKVVPPLDEDGRSLLSQMLHYDPNKRISAKAALAHPFFQDVTKPVPHLRL
;
A
2 'polypeptide(L)'
;GSIIAPSRGSPLPVLSWANREEVWKIMLNKEKTYLRDQHFLEQHPLLQPKMRAILLDWLMEVCEVYKLHRETFYLAQDFF
DRYMATQENVVKTLLQLIGISSLFIAAKLEEIYPPKLHQFAYVTDGACSGDEILTMELMIMKALKWRLSPLTIVSWLNVY
MQVAYLNDLHEVLLPQYPQQIFIQIAELLDLCVLDVDCLEFPYGILAASALYHFSSSELMQKVSGYQWCDIENCVKWMVP
FAMVIRETGSSKLKHFRGVADEDAHNIQTHRDSLDLLDKARAKKA
;
B
#
loop_
_chem_comp.id
_chem_comp.type
_chem_comp.name
_chem_comp.formula
A1IOP non-polymer (3~{S})-~{N}-ethyl-3-[[9-ethyl-2-[[(2~{R},3~{S})-2-oxidanylpentan-3-yl]amino]purin-6-yl]amino]pyrrolidine-1-sulfonamide 'C18 H32 N8 O3 S'
#
# COMPACT_ATOMS: atom_id res chain seq x y z
N MET A 1 22.39 -20.02 1.88
CA MET A 1 23.14 -18.82 1.47
C MET A 1 24.57 -19.09 0.95
N GLU A 2 24.97 -20.36 0.93
CA GLU A 2 26.28 -20.82 0.46
C GLU A 2 26.41 -20.83 -1.09
N ASN A 3 25.28 -20.84 -1.81
CA ASN A 3 25.33 -20.87 -3.27
C ASN A 3 25.67 -19.53 -3.92
N PHE A 4 25.87 -18.45 -3.13
CA PHE A 4 26.19 -17.14 -3.69
C PHE A 4 27.60 -16.66 -3.39
N GLN A 5 28.24 -16.08 -4.40
CA GLN A 5 29.57 -15.51 -4.32
C GLN A 5 29.45 -14.00 -4.57
N LYS A 6 29.78 -13.18 -3.57
CA LYS A 6 29.73 -11.73 -3.70
C LYS A 6 30.75 -11.24 -4.72
N VAL A 7 30.27 -10.50 -5.71
CA VAL A 7 31.12 -9.93 -6.74
C VAL A 7 31.59 -8.56 -6.29
N GLU A 8 30.66 -7.66 -5.91
CA GLU A 8 31.00 -6.30 -5.44
C GLU A 8 29.86 -5.55 -4.75
N LYS A 9 30.20 -4.56 -3.90
CA LYS A 9 29.19 -3.74 -3.26
C LYS A 9 28.63 -2.75 -4.27
N ILE A 10 27.31 -2.65 -4.35
CA ILE A 10 26.65 -1.73 -5.27
C ILE A 10 26.31 -0.45 -4.53
N GLY A 11 25.67 -0.58 -3.38
CA GLY A 11 25.26 0.57 -2.60
C GLY A 11 24.92 0.20 -1.17
N GLU A 12 24.42 1.18 -0.41
CA GLU A 12 24.08 0.97 0.99
C GLU A 12 22.92 1.85 1.40
N GLY A 13 22.02 1.31 2.20
CA GLY A 13 20.89 2.04 2.74
C GLY A 13 20.79 1.87 4.25
N THR A 14 19.84 2.57 4.86
CA THR A 14 19.58 2.52 6.31
C THR A 14 19.27 1.07 6.76
N TYR A 15 18.39 0.43 5.98
CA TYR A 15 17.85 -0.95 5.99
C TYR A 15 18.96 -2.03 5.76
N GLY A 16 19.67 -1.93 4.64
CA GLY A 16 20.74 -2.86 4.30
C GLY A 16 21.59 -2.50 3.08
N VAL A 17 22.65 -3.28 2.88
CA VAL A 17 23.64 -3.15 1.82
C VAL A 17 23.28 -3.99 0.58
N VAL A 18 23.48 -3.42 -0.62
CA VAL A 18 23.22 -4.13 -1.87
C VAL A 18 24.52 -4.60 -2.53
N TYR A 19 24.57 -5.87 -2.98
CA TYR A 19 25.76 -6.44 -3.63
C TYR A 19 25.42 -7.06 -4.95
N LYS A 20 26.37 -7.09 -5.88
CA LYS A 20 26.23 -7.85 -7.11
C LYS A 20 26.76 -9.23 -6.71
N ALA A 21 26.07 -10.29 -7.11
CA ALA A 21 26.49 -11.64 -6.73
C ALA A 21 26.28 -12.66 -7.85
N ARG A 22 27.00 -13.80 -7.76
CA ARG A 22 26.87 -14.90 -8.69
C ARG A 22 26.39 -16.10 -7.92
N ASN A 23 25.37 -16.79 -8.43
CA ASN A 23 24.94 -18.05 -7.85
C ASN A 23 25.95 -19.03 -8.48
N LYS A 24 27.14 -19.20 -7.83
CA LYS A 24 28.33 -19.94 -8.26
C LYS A 24 28.05 -21.18 -9.12
N LEU A 25 27.04 -21.97 -8.72
CA LEU A 25 26.62 -23.14 -9.47
C LEU A 25 26.05 -22.77 -10.87
N THR A 26 24.93 -22.01 -10.90
CA THR A 26 24.20 -21.62 -12.10
C THR A 26 24.88 -20.60 -13.01
N GLY A 27 25.49 -19.58 -12.42
CA GLY A 27 26.04 -18.46 -13.17
C GLY A 27 25.04 -17.32 -13.29
N GLU A 28 23.93 -17.40 -12.52
CA GLU A 28 22.90 -16.41 -12.43
C GLU A 28 23.50 -15.21 -11.71
N VAL A 29 23.45 -14.04 -12.31
CA VAL A 29 23.95 -12.82 -11.67
C VAL A 29 22.77 -12.11 -11.00
N VAL A 30 22.81 -12.00 -9.68
CA VAL A 30 21.74 -11.41 -8.89
C VAL A 30 22.22 -10.18 -8.09
N ALA A 31 21.26 -9.46 -7.47
CA ALA A 31 21.51 -8.32 -6.61
C ALA A 31 21.00 -8.75 -5.23
N LEU A 32 21.89 -8.78 -4.23
CA LEU A 32 21.49 -9.18 -2.88
C LEU A 32 21.38 -7.99 -1.95
N LYS A 33 20.23 -7.84 -1.28
CA LYS A 33 20.02 -6.82 -0.27
C LYS A 33 20.17 -7.54 1.06
N LYS A 34 21.27 -7.31 1.76
CA LYS A 34 21.56 -7.94 3.05
C LYS A 34 20.95 -7.10 4.16
N ILE A 35 20.25 -7.72 5.13
CA ILE A 35 19.60 -7.00 6.22
C ILE A 35 20.01 -7.63 7.54
N ARG A 36 20.91 -7.00 8.28
CA ARG A 36 21.36 -7.52 9.57
C ARG A 36 20.24 -7.30 10.57
N LEU A 37 19.82 -8.38 11.22
CA LEU A 37 18.70 -8.35 12.17
C LEU A 37 19.13 -8.07 13.60
N ASP A 38 20.36 -8.47 13.95
CA ASP A 38 21.00 -8.25 15.26
C ASP A 38 21.17 -6.77 15.62
N THR A 39 21.18 -5.89 14.60
CA THR A 39 21.27 -4.44 14.69
C THR A 39 19.91 -3.81 15.05
N GLU A 40 18.80 -4.45 14.66
CA GLU A 40 17.46 -3.90 14.89
C GLU A 40 16.81 -4.43 16.14
N THR A 41 16.41 -3.52 17.05
CA THR A 41 15.69 -3.88 18.27
C THR A 41 14.23 -4.32 17.99
N GLU A 42 13.66 -3.96 16.82
CA GLU A 42 12.27 -4.27 16.51
C GLU A 42 12.07 -5.39 15.51
N GLY A 43 13.04 -6.29 15.42
CA GLY A 43 12.95 -7.41 14.51
C GLY A 43 13.09 -6.98 13.06
N VAL A 44 12.44 -7.71 12.12
CA VAL A 44 12.49 -7.39 10.69
C VAL A 44 11.93 -5.99 10.48
N PRO A 45 12.74 -5.09 9.92
CA PRO A 45 12.31 -3.70 9.79
C PRO A 45 11.01 -3.58 9.03
N SER A 46 10.09 -2.75 9.55
CA SER A 46 8.76 -2.52 8.99
C SER A 46 8.79 -2.33 7.47
N THR A 47 9.74 -1.51 7.04
CA THR A 47 10.04 -1.15 5.66
C THR A 47 10.46 -2.35 4.79
N ALA A 48 11.21 -3.32 5.37
CA ALA A 48 11.66 -4.52 4.67
C ALA A 48 10.52 -5.48 4.51
N ILE A 49 9.66 -5.63 5.58
CA ILE A 49 8.47 -6.48 5.52
C ILE A 49 7.55 -5.97 4.42
N ARG A 50 7.31 -4.65 4.39
CA ARG A 50 6.46 -4.07 3.39
C ARG A 50 7.02 -4.22 1.99
N GLU A 51 8.32 -3.96 1.77
CA GLU A 51 8.90 -4.11 0.42
C GLU A 51 8.81 -5.55 -0.12
N ILE A 52 9.13 -6.56 0.72
CA ILE A 52 9.06 -7.98 0.34
C ILE A 52 7.63 -8.37 -0.06
N SER A 53 6.67 -8.00 0.80
CA SER A 53 5.26 -8.28 0.59
C SER A 53 4.72 -7.62 -0.67
N LEU A 54 5.00 -6.33 -0.84
CA LEU A 54 4.52 -5.58 -2.00
C LEU A 54 5.09 -6.14 -3.27
N LEU A 55 6.39 -6.44 -3.29
CA LEU A 55 7.06 -6.93 -4.50
C LEU A 55 6.66 -8.35 -4.90
N LYS A 56 6.15 -9.17 -3.98
CA LYS A 56 5.62 -10.50 -4.31
C LYS A 56 4.35 -10.31 -5.15
N GLU A 57 3.52 -9.31 -4.80
CA GLU A 57 2.28 -9.01 -5.51
C GLU A 57 2.51 -8.32 -6.85
N LEU A 58 3.45 -7.37 -6.89
CA LEU A 58 3.68 -6.58 -8.09
C LEU A 58 4.51 -7.30 -9.16
N ASN A 59 3.89 -8.19 -9.92
CA ASN A 59 4.61 -8.88 -11.00
C ASN A 59 4.34 -8.22 -12.32
N HIS A 60 5.28 -7.41 -12.77
CA HIS A 60 5.15 -6.65 -14.02
C HIS A 60 6.54 -6.51 -14.61
N PRO A 61 6.67 -6.67 -15.93
CA PRO A 61 8.00 -6.56 -16.56
C PRO A 61 8.77 -5.25 -16.28
N ASN A 62 8.07 -4.16 -15.97
CA ASN A 62 8.69 -2.88 -15.66
C ASN A 62 8.81 -2.58 -14.16
N ILE A 63 8.86 -3.65 -13.34
CA ILE A 63 9.09 -3.60 -11.89
C ILE A 63 10.19 -4.63 -11.60
N VAL A 64 11.14 -4.33 -10.67
CA VAL A 64 12.22 -5.28 -10.36
C VAL A 64 11.71 -6.57 -9.78
N LYS A 65 12.21 -7.68 -10.32
CA LYS A 65 11.79 -8.99 -9.86
C LYS A 65 12.54 -9.40 -8.61
N LEU A 66 11.79 -9.70 -7.57
CA LEU A 66 12.30 -10.22 -6.31
C LEU A 66 12.30 -11.72 -6.55
N LEU A 67 13.47 -12.33 -6.57
CA LEU A 67 13.63 -13.74 -6.86
C LEU A 67 13.53 -14.65 -5.62
N ASP A 68 14.06 -14.24 -4.46
CA ASP A 68 13.98 -15.09 -3.25
C ASP A 68 14.22 -14.30 -1.95
N VAL A 69 13.81 -14.87 -0.83
CA VAL A 69 14.05 -14.29 0.49
C VAL A 69 14.70 -15.43 1.29
N ILE A 70 15.89 -15.19 1.86
CA ILE A 70 16.60 -16.23 2.59
C ILE A 70 16.93 -15.79 4.01
N HIS A 71 16.55 -16.58 5.01
CA HIS A 71 16.85 -16.25 6.40
C HIS A 71 18.05 -17.03 6.92
N THR A 72 19.10 -16.30 7.30
CA THR A 72 20.35 -16.85 7.83
C THR A 72 20.52 -16.38 9.30
N GLU A 73 21.60 -16.82 9.98
CA GLU A 73 21.90 -16.45 11.36
C GLU A 73 21.90 -14.91 11.57
N ASN A 74 20.76 -14.35 12.04
CA ASN A 74 20.53 -12.92 12.28
C ASN A 74 20.75 -12.04 11.02
N LYS A 75 20.45 -12.59 9.84
CA LYS A 75 20.60 -11.92 8.56
C LYS A 75 19.43 -12.30 7.66
N LEU A 76 18.89 -11.33 6.93
CA LEU A 76 17.80 -11.60 6.00
C LEU A 76 18.25 -11.13 4.64
N TYR A 77 18.24 -12.02 3.65
CA TYR A 77 18.71 -11.69 2.32
C TYR A 77 17.59 -11.61 1.30
N LEU A 78 17.49 -10.48 0.59
CA LEU A 78 16.52 -10.36 -0.48
C LEU A 78 17.31 -10.55 -1.76
N VAL A 79 16.92 -11.53 -2.58
CA VAL A 79 17.62 -11.83 -3.81
C VAL A 79 16.77 -11.28 -4.92
N PHE A 80 17.33 -10.37 -5.71
CA PHE A 80 16.63 -9.72 -6.82
C PHE A 80 17.37 -9.95 -8.13
N GLU A 81 16.72 -9.67 -9.26
CA GLU A 81 17.37 -9.73 -10.56
C GLU A 81 18.41 -8.60 -10.61
N PHE A 82 19.50 -8.80 -11.35
CA PHE A 82 20.52 -7.78 -11.46
C PHE A 82 20.29 -6.98 -12.72
N LEU A 83 20.46 -5.65 -12.63
CA LEU A 83 20.39 -4.71 -13.75
C LEU A 83 21.67 -3.87 -13.68
N HIS A 84 22.40 -3.77 -14.81
CA HIS A 84 23.74 -3.17 -14.80
C HIS A 84 23.86 -1.69 -14.47
N GLN A 85 22.79 -0.88 -14.69
CA GLN A 85 22.91 0.55 -14.48
C GLN A 85 21.59 1.22 -14.14
N ASP A 86 21.63 2.31 -13.35
CA ASP A 86 20.44 3.11 -13.03
C ASP A 86 20.34 4.31 -13.97
N LEU A 87 19.17 4.96 -14.02
CA LEU A 87 18.93 6.09 -14.91
C LEU A 87 19.78 7.32 -14.62
N LYS A 88 20.21 7.47 -13.38
CA LYS A 88 21.04 8.60 -12.99
C LYS A 88 22.40 8.45 -13.64
N LYS A 89 23.02 7.28 -13.51
CA LYS A 89 24.34 7.00 -14.10
C LYS A 89 24.26 7.09 -15.63
N PHE A 90 23.15 6.55 -16.21
CA PHE A 90 22.92 6.56 -17.65
C PHE A 90 22.78 7.96 -18.18
N MET A 91 22.02 8.82 -17.49
CA MET A 91 21.85 10.20 -17.92
C MET A 91 23.17 10.99 -17.83
N ASP A 92 23.99 10.75 -16.80
CA ASP A 92 25.27 11.46 -16.64
C ASP A 92 26.24 11.08 -17.76
N ALA A 93 26.25 9.78 -18.11
CA ALA A 93 27.06 9.28 -19.22
C ALA A 93 26.60 9.90 -20.56
N SER A 94 25.30 10.15 -20.71
CA SER A 94 24.75 10.72 -21.94
C SER A 94 24.63 12.24 -21.90
N ALA A 95 25.25 12.93 -20.94
CA ALA A 95 25.11 14.39 -20.81
C ALA A 95 25.60 15.23 -21.98
N LEU A 96 26.63 14.77 -22.69
CA LEU A 96 27.19 15.54 -23.79
C LEU A 96 26.56 15.15 -25.11
N THR A 97 26.46 13.85 -25.37
CA THR A 97 25.88 13.32 -26.60
C THR A 97 24.36 13.50 -26.67
N GLY A 98 23.70 13.49 -25.52
CA GLY A 98 22.24 13.52 -25.43
C GLY A 98 21.67 12.10 -25.49
N ILE A 99 20.42 11.92 -25.06
CA ILE A 99 19.78 10.60 -25.14
C ILE A 99 18.91 10.65 -26.40
N PRO A 100 18.98 9.65 -27.29
CA PRO A 100 18.15 9.69 -28.50
C PRO A 100 16.66 9.77 -28.17
N LEU A 101 15.89 10.65 -28.85
CA LEU A 101 14.45 10.80 -28.56
C LEU A 101 13.68 9.46 -28.57
N PRO A 102 13.91 8.53 -29.51
CA PRO A 102 13.19 7.25 -29.45
C PRO A 102 13.46 6.48 -28.15
N LEU A 103 14.68 6.59 -27.60
CA LEU A 103 15.01 5.94 -26.34
C LEU A 103 14.39 6.67 -25.16
N ILE A 104 14.27 8.03 -25.24
CA ILE A 104 13.61 8.80 -24.19
C ILE A 104 12.15 8.37 -24.13
N LYS A 105 11.51 8.32 -25.31
CA LYS A 105 10.13 7.93 -25.52
C LYS A 105 9.84 6.52 -25.08
N SER A 106 10.74 5.59 -25.42
CA SER A 106 10.59 4.19 -25.04
C SER A 106 10.67 4.05 -23.53
N TYR A 107 11.65 4.73 -22.90
CA TYR A 107 11.83 4.70 -21.45
C TYR A 107 10.64 5.31 -20.70
N LEU A 108 10.13 6.45 -21.16
CA LEU A 108 8.99 7.11 -20.52
C LEU A 108 7.73 6.24 -20.58
N PHE A 109 7.45 5.65 -21.74
CA PHE A 109 6.30 4.77 -21.92
C PHE A 109 6.42 3.55 -20.99
N GLN A 110 7.61 2.93 -20.92
CA GLN A 110 7.83 1.79 -20.06
C GLN A 110 7.64 2.15 -18.60
N LEU A 111 8.18 3.32 -18.16
CA LEU A 111 8.04 3.80 -16.79
C LEU A 111 6.55 4.00 -16.47
N LEU A 112 5.81 4.61 -17.39
CA LEU A 112 4.37 4.83 -17.25
C LEU A 112 3.56 3.53 -17.16
N GLN A 113 3.99 2.48 -17.88
CA GLN A 113 3.34 1.18 -17.81
C GLN A 113 3.53 0.52 -16.46
N GLY A 114 4.76 0.55 -15.94
CA GLY A 114 5.05 -0.01 -14.63
C GLY A 114 4.34 0.73 -13.53
N LEU A 115 4.26 2.07 -13.66
CA LEU A 115 3.58 2.92 -12.67
C LEU A 115 2.07 2.70 -12.66
N ALA A 116 1.44 2.57 -13.85
CA ALA A 116 0.00 2.29 -13.96
C ALA A 116 -0.33 0.98 -13.25
N PHE A 117 0.52 -0.05 -13.39
CA PHE A 117 0.35 -1.32 -12.71
C PHE A 117 0.34 -1.13 -11.19
N CYS A 118 1.31 -0.38 -10.63
CA CYS A 118 1.37 -0.06 -9.19
C CYS A 118 0.11 0.64 -8.75
N HIS A 119 -0.31 1.65 -9.52
CA HIS A 119 -1.50 2.42 -9.17
C HIS A 119 -2.77 1.59 -9.22
N SER A 120 -2.90 0.66 -10.19
CA SER A 120 -4.07 -0.25 -10.30
C SER A 120 -4.12 -1.25 -9.14
N HIS A 121 -2.95 -1.57 -8.56
CA HIS A 121 -2.86 -2.41 -7.37
C HIS A 121 -2.96 -1.57 -6.08
N ARG A 122 -3.40 -0.30 -6.19
CA ARG A 122 -3.56 0.69 -5.14
C ARG A 122 -2.27 0.96 -4.35
N VAL A 123 -1.12 1.07 -5.04
CA VAL A 123 0.18 1.30 -4.40
C VAL A 123 0.82 2.62 -4.85
N LEU A 124 1.26 3.44 -3.90
CA LEU A 124 1.97 4.68 -4.20
C LEU A 124 3.47 4.44 -4.05
N HIS A 125 4.27 4.68 -5.08
CA HIS A 125 5.72 4.46 -4.99
C HIS A 125 6.32 5.47 -4.03
N ARG A 126 5.99 6.76 -4.19
CA ARG A 126 6.45 7.87 -3.35
C ARG A 126 7.92 8.25 -3.49
N ASP A 127 8.77 7.49 -4.19
CA ASP A 127 10.20 7.84 -4.28
C ASP A 127 10.78 7.64 -5.69
N LEU A 128 10.06 8.11 -6.71
CA LEU A 128 10.53 7.98 -8.08
C LEU A 128 11.60 9.02 -8.41
N LYS A 129 12.84 8.57 -8.49
CA LYS A 129 14.00 9.38 -8.82
C LYS A 129 14.93 8.52 -9.71
N PRO A 130 15.75 9.16 -10.54
CA PRO A 130 16.56 8.40 -11.51
C PRO A 130 17.41 7.25 -10.96
N GLN A 131 17.99 7.40 -9.76
CA GLN A 131 18.78 6.32 -9.19
C GLN A 131 17.93 5.14 -8.67
N ASN A 132 16.60 5.28 -8.62
CA ASN A 132 15.71 4.18 -8.25
C ASN A 132 15.10 3.52 -9.52
N LEU A 133 15.51 3.95 -10.74
CA LEU A 133 15.01 3.42 -11.98
C LEU A 133 16.16 2.67 -12.65
N LEU A 134 16.05 1.33 -12.76
CA LEU A 134 17.10 0.48 -13.29
C LEU A 134 16.90 0.08 -14.70
N ILE A 135 17.93 0.20 -15.54
CA ILE A 135 17.82 -0.19 -16.95
C ILE A 135 18.65 -1.44 -17.25
N ASN A 136 18.29 -2.15 -18.33
CA ASN A 136 19.10 -3.29 -18.78
C ASN A 136 19.73 -2.96 -20.15
N THR A 137 20.60 -3.84 -20.67
CA THR A 137 21.28 -3.57 -21.94
C THR A 137 20.37 -3.66 -23.17
N GLU A 138 19.19 -4.29 -23.05
CA GLU A 138 18.32 -4.43 -24.21
C GLU A 138 17.14 -3.47 -24.26
N GLY A 139 17.32 -2.27 -23.71
CA GLY A 139 16.30 -1.24 -23.80
C GLY A 139 15.20 -1.21 -22.74
N ALA A 140 15.24 -2.14 -21.76
CA ALA A 140 14.23 -2.14 -20.70
C ALA A 140 14.64 -1.20 -19.55
N ILE A 141 13.64 -0.71 -18.81
CA ILE A 141 13.76 0.14 -17.61
C ILE A 141 12.69 -0.35 -16.63
N LYS A 142 13.04 -0.41 -15.35
CA LYS A 142 12.15 -0.94 -14.32
C LYS A 142 12.14 -0.06 -13.07
N LEU A 143 10.98 0.03 -12.39
CA LEU A 143 10.89 0.80 -11.14
C LEU A 143 11.51 -0.07 -10.06
N ALA A 144 12.30 0.53 -9.18
CA ALA A 144 12.96 -0.20 -8.09
C ALA A 144 12.95 0.64 -6.79
N ASP A 145 13.46 0.09 -5.66
CA ASP A 145 13.48 0.69 -4.34
C ASP A 145 12.09 1.10 -3.90
N PHE A 146 11.31 0.09 -3.51
CA PHE A 146 9.97 0.28 -3.00
C PHE A 146 9.97 0.37 -1.44
N GLY A 147 11.09 0.84 -0.86
CA GLY A 147 11.26 1.00 0.57
C GLY A 147 10.27 1.98 1.16
N LEU A 148 9.90 3.01 0.38
CA LEU A 148 8.96 4.05 0.78
C LEU A 148 7.57 3.89 0.15
N ALA A 149 7.29 2.80 -0.56
CA ALA A 149 6.00 2.60 -1.20
C ALA A 149 4.91 2.30 -0.18
N ARG A 150 3.79 3.02 -0.25
CA ARG A 150 2.68 2.81 0.67
C ARG A 150 1.40 2.58 -0.12
N ALA A 151 0.54 1.67 0.35
CA ALA A 151 -0.71 1.40 -0.35
C ALA A 151 -1.82 2.36 0.10
N PHE A 152 -2.69 2.74 -0.83
CA PHE A 152 -3.82 3.60 -0.49
C PHE A 152 -5.13 2.73 -0.41
N GLY A 153 -6.26 3.40 -0.25
CA GLY A 153 -7.57 2.84 0.04
C GLY A 153 -8.09 3.74 1.14
N VAL A 154 -7.28 3.88 2.21
CA VAL A 154 -7.37 4.87 3.25
C VAL A 154 -6.10 5.67 2.92
N PRO A 155 -6.25 6.85 2.26
CA PRO A 155 -5.07 7.60 1.79
C PRO A 155 -3.90 7.77 2.79
N VAL A 156 -2.68 7.70 2.23
CA VAL A 156 -1.41 7.80 2.96
C VAL A 156 -1.18 9.22 3.50
N ARG A 157 -0.95 9.35 4.81
CA ARG A 157 -0.74 10.67 5.42
C ARG A 157 0.69 11.18 5.21
N THR A 158 0.88 12.51 5.29
CA THR A 158 2.19 13.17 5.14
C THR A 158 2.86 13.39 6.51
N TYR A 159 4.21 13.43 6.57
CA TYR A 159 4.95 13.55 7.84
C TYR A 159 6.29 14.30 7.69
N THR A 160 6.92 14.67 8.82
CA THR A 160 8.21 15.36 8.81
C THR A 160 9.38 14.34 8.99
N HIS A 161 9.63 13.51 7.95
CA HIS A 161 10.70 12.50 7.89
C HIS A 161 11.29 12.41 6.47
N GLU A 162 12.47 11.75 6.33
CA GLU A 162 13.19 11.60 5.06
C GLU A 162 12.40 10.90 3.94
N VAL A 163 11.61 11.67 3.18
CA VAL A 163 10.79 11.19 2.07
C VAL A 163 11.32 11.78 0.73
N VAL A 164 10.86 11.21 -0.44
CA VAL A 164 11.21 11.59 -1.83
C VAL A 164 12.17 12.76 -1.94
N THR A 165 13.32 12.60 -2.63
CA THR A 165 14.29 13.69 -2.76
C THR A 165 13.61 14.91 -3.31
N LEU A 166 13.61 15.94 -2.48
CA LEU A 166 13.07 17.27 -2.66
C LEU A 166 12.90 17.69 -4.13
N TRP A 167 13.88 17.34 -4.96
CA TRP A 167 13.94 17.63 -6.37
C TRP A 167 12.78 17.08 -7.19
N TYR A 168 12.22 15.94 -6.76
CA TYR A 168 11.10 15.26 -7.44
C TYR A 168 9.80 15.33 -6.63
N ARG A 169 9.78 16.06 -5.49
CA ARG A 169 8.61 16.25 -4.65
C ARG A 169 7.54 17.16 -5.30
N ALA A 170 6.28 16.68 -5.34
CA ALA A 170 5.15 17.40 -5.91
C ALA A 170 4.84 18.71 -5.16
N PRO A 171 4.19 19.70 -5.82
CA PRO A 171 3.94 20.99 -5.16
C PRO A 171 2.88 20.98 -4.06
N GLU A 172 1.91 20.07 -4.15
CA GLU A 172 0.90 19.94 -3.09
C GLU A 172 1.55 19.52 -1.77
N ILE A 173 2.62 18.67 -1.83
CA ILE A 173 3.39 18.20 -0.67
C ILE A 173 4.19 19.33 -0.06
N LEU A 174 4.86 20.13 -0.91
CA LEU A 174 5.62 21.28 -0.42
C LEU A 174 4.66 22.32 0.21
N LEU A 175 3.44 22.46 -0.35
CA LEU A 175 2.44 23.41 0.13
C LEU A 175 1.59 22.92 1.31
N GLY A 176 1.95 21.79 1.90
CA GLY A 176 1.31 21.32 3.12
C GLY A 176 0.11 20.42 3.03
N CYS A 177 -0.12 19.77 1.89
CA CYS A 177 -1.24 18.83 1.76
C CYS A 177 -1.08 17.69 2.78
N LYS A 178 -2.17 17.30 3.48
CA LYS A 178 -2.04 16.27 4.53
C LYS A 178 -2.04 14.83 3.96
N TYR A 179 -2.50 14.64 2.71
CA TYR A 179 -2.56 13.31 2.10
C TYR A 179 -1.92 13.18 0.72
N TYR A 180 -1.06 12.16 0.53
CA TYR A 180 -0.45 11.84 -0.77
C TYR A 180 -1.53 11.27 -1.69
N SER A 181 -1.34 11.43 -3.00
CA SER A 181 -2.21 10.89 -4.04
C SER A 181 -1.34 10.26 -5.17
N THR A 182 -1.97 9.52 -6.13
CA THR A 182 -1.19 8.98 -7.26
C THR A 182 -0.56 10.08 -8.13
N ALA A 183 -1.02 11.33 -7.97
CA ALA A 183 -0.52 12.48 -8.69
C ALA A 183 0.90 12.82 -8.30
N VAL A 184 1.34 12.47 -7.07
CA VAL A 184 2.72 12.76 -6.66
C VAL A 184 3.72 11.92 -7.47
N ASP A 185 3.35 10.69 -7.87
CA ASP A 185 4.23 9.85 -8.67
C ASP A 185 4.31 10.37 -10.12
N ILE A 186 3.20 10.87 -10.66
CA ILE A 186 3.15 11.46 -12.01
C ILE A 186 4.00 12.71 -12.03
N TRP A 187 3.98 13.53 -10.95
CA TRP A 187 4.83 14.71 -10.85
C TRP A 187 6.31 14.31 -10.95
N SER A 188 6.72 13.26 -10.23
CA SER A 188 8.11 12.79 -10.28
C SER A 188 8.54 12.39 -11.68
N LEU A 189 7.67 11.69 -12.42
CA LEU A 189 7.94 11.23 -13.78
C LEU A 189 8.01 12.35 -14.79
N GLY A 190 7.30 13.44 -14.56
CA GLY A 190 7.38 14.62 -15.41
C GLY A 190 8.72 15.29 -15.22
N CYS A 191 9.21 15.30 -13.96
CA CYS A 191 10.52 15.85 -13.65
C CYS A 191 11.59 15.01 -14.32
N ILE A 192 11.48 13.67 -14.23
CA ILE A 192 12.41 12.72 -14.82
C ILE A 192 12.41 12.80 -16.36
N PHE A 193 11.22 12.95 -16.96
CA PHE A 193 11.05 13.11 -18.40
C PHE A 193 11.81 14.36 -18.87
N ALA A 194 11.57 15.52 -18.22
CA ALA A 194 12.27 16.77 -18.54
C ALA A 194 13.79 16.63 -18.37
N GLU A 195 14.20 15.87 -17.38
CA GLU A 195 15.60 15.64 -17.09
C GLU A 195 16.25 14.77 -18.17
N MET A 196 15.51 13.83 -18.79
CA MET A 196 16.06 13.02 -19.87
C MET A 196 16.30 13.86 -21.13
N VAL A 197 15.43 14.85 -21.38
CA VAL A 197 15.51 15.77 -22.52
C VAL A 197 16.63 16.80 -22.35
N THR A 198 16.74 17.43 -21.16
CA THR A 198 17.74 18.48 -20.94
C THR A 198 19.06 18.01 -20.36
N ARG A 199 19.07 16.84 -19.74
CA ARG A 199 20.20 16.22 -19.04
C ARG A 199 20.67 17.09 -17.88
N ARG A 200 19.68 17.62 -17.13
CA ARG A 200 19.83 18.39 -15.91
C ARG A 200 18.46 18.45 -15.22
N ALA A 201 18.48 18.32 -13.86
CA ALA A 201 17.33 18.33 -12.97
C ALA A 201 16.43 19.50 -13.27
N LEU A 202 15.13 19.24 -13.42
CA LEU A 202 14.18 20.28 -13.74
C LEU A 202 14.06 21.31 -12.61
N PHE A 203 13.93 20.84 -11.35
CA PHE A 203 13.80 21.72 -10.19
C PHE A 203 14.79 21.32 -9.06
N PRO A 204 16.07 21.72 -9.14
CA PRO A 204 17.04 21.31 -8.12
C PRO A 204 17.14 22.24 -6.91
N GLY A 205 16.12 22.26 -6.06
CA GLY A 205 16.11 23.13 -4.88
C GLY A 205 17.00 22.67 -3.76
N ASP A 206 17.25 23.54 -2.78
CA ASP A 206 18.10 23.22 -1.61
C ASP A 206 17.35 23.29 -0.26
N SER A 207 16.06 23.58 -0.31
CA SER A 207 15.17 23.68 0.82
C SER A 207 13.73 23.53 0.27
N GLU A 208 12.74 23.32 1.15
CA GLU A 208 11.35 23.20 0.74
C GLU A 208 10.87 24.51 0.08
N ILE A 209 11.33 25.67 0.58
CA ILE A 209 10.92 26.94 0.00
C ILE A 209 11.63 27.18 -1.33
N ASP A 210 12.93 26.84 -1.42
CA ASP A 210 13.69 26.98 -2.67
C ASP A 210 13.12 26.08 -3.73
N GLN A 211 12.71 24.87 -3.36
CA GLN A 211 12.09 23.93 -4.30
C GLN A 211 10.79 24.52 -4.86
N LEU A 212 9.91 25.00 -3.99
CA LEU A 212 8.63 25.63 -4.35
C LEU A 212 8.85 26.84 -5.23
N PHE A 213 9.80 27.72 -4.89
CA PHE A 213 10.09 28.93 -5.68
C PHE A 213 10.59 28.61 -7.07
N ARG A 214 11.40 27.54 -7.21
CA ARG A 214 11.87 27.02 -8.49
C ARG A 214 10.73 26.47 -9.32
N ILE A 215 9.74 25.83 -8.70
CA ILE A 215 8.58 25.32 -9.42
C ILE A 215 7.74 26.49 -9.93
N PHE A 216 7.52 27.49 -9.06
CA PHE A 216 6.78 28.71 -9.40
C PHE A 216 7.48 29.53 -10.48
N ARG A 217 8.81 29.56 -10.48
CA ARG A 217 9.54 30.33 -11.47
C ARG A 217 9.30 29.78 -12.88
N THR A 218 9.30 28.44 -13.01
CA THR A 218 9.14 27.79 -14.30
C THR A 218 7.69 27.67 -14.74
N LEU A 219 6.82 27.18 -13.84
CA LEU A 219 5.42 26.98 -14.18
C LEU A 219 4.49 28.17 -13.88
N GLY A 220 5.02 29.22 -13.27
CA GLY A 220 4.23 30.36 -12.87
C GLY A 220 3.63 30.14 -11.49
N THR A 221 3.52 31.21 -10.68
CA THR A 221 2.94 31.13 -9.35
C THR A 221 1.45 30.82 -9.52
N PRO A 222 0.98 29.71 -8.93
CA PRO A 222 -0.42 29.32 -9.12
C PRO A 222 -1.44 30.22 -8.42
N ASP A 223 -2.73 30.04 -8.78
CA ASP A 223 -3.88 30.76 -8.23
C ASP A 223 -5.10 29.82 -8.14
N GLU A 224 -6.23 30.34 -7.63
CA GLU A 224 -7.47 29.57 -7.47
C GLU A 224 -8.06 29.06 -8.78
N VAL A 225 -7.77 29.76 -9.89
CA VAL A 225 -8.26 29.35 -11.20
C VAL A 225 -7.52 28.10 -11.69
N VAL A 226 -6.18 28.13 -11.68
CA VAL A 226 -5.37 26.99 -12.14
C VAL A 226 -5.39 25.82 -11.15
N TRP A 227 -5.55 26.14 -9.84
CA TRP A 227 -5.56 25.15 -8.78
C TRP A 227 -6.61 25.50 -7.73
N PRO A 228 -7.84 25.03 -7.89
CA PRO A 228 -8.87 25.33 -6.89
C PRO A 228 -8.51 24.83 -5.49
N GLY A 229 -8.23 25.77 -4.60
CA GLY A 229 -7.92 25.47 -3.22
C GLY A 229 -6.51 25.82 -2.77
N VAL A 230 -5.64 26.18 -3.72
CA VAL A 230 -4.24 26.48 -3.42
C VAL A 230 -4.07 27.56 -2.33
N THR A 231 -4.78 28.71 -2.42
CA THR A 231 -4.63 29.80 -1.45
C THR A 231 -5.03 29.44 -0.02
N SER A 232 -5.92 28.43 0.12
CA SER A 232 -6.42 27.96 1.41
C SER A 232 -5.60 26.79 1.97
N MET A 233 -4.34 26.63 1.50
CA MET A 233 -3.49 25.52 1.91
C MET A 233 -2.57 25.88 3.08
N PRO A 234 -2.17 24.87 3.88
CA PRO A 234 -1.39 25.13 5.08
C PRO A 234 -0.10 25.93 4.92
N ASP A 235 0.74 25.62 3.92
CA ASP A 235 2.02 26.30 3.78
C ASP A 235 2.03 27.42 2.71
N TYR A 236 0.88 27.70 2.08
CA TYR A 236 0.78 28.77 1.11
C TYR A 236 0.84 30.13 1.84
N LYS A 237 1.51 31.10 1.23
CA LYS A 237 1.64 32.45 1.76
C LYS A 237 1.22 33.42 0.67
N PRO A 238 0.39 34.41 0.99
CA PRO A 238 0.04 35.42 -0.03
C PRO A 238 1.27 36.20 -0.49
N SER A 239 2.32 36.27 0.36
CA SER A 239 3.59 36.95 0.09
C SER A 239 4.43 36.31 -1.03
N PHE A 240 4.07 35.11 -1.53
CA PHE A 240 4.85 34.46 -2.59
C PHE A 240 4.97 35.34 -3.84
N PRO A 241 6.18 35.50 -4.38
CA PRO A 241 6.34 36.30 -5.60
C PRO A 241 5.52 35.76 -6.78
N LYS A 242 4.93 36.66 -7.58
CA LYS A 242 4.10 36.21 -8.69
C LYS A 242 4.86 36.17 -10.01
N TRP A 243 5.49 35.01 -10.31
CA TRP A 243 6.19 34.78 -11.58
C TRP A 243 5.21 34.24 -12.60
N ALA A 244 5.51 34.43 -13.88
CA ALA A 244 4.66 33.95 -14.95
C ALA A 244 5.23 32.66 -15.55
N ARG A 245 4.36 31.84 -16.10
CA ARG A 245 4.76 30.59 -16.70
C ARG A 245 5.71 30.80 -17.85
N GLN A 246 6.77 30.01 -17.91
CA GLN A 246 7.74 30.10 -18.98
C GLN A 246 7.28 29.24 -20.16
N ASP A 247 7.62 29.66 -21.39
CA ASP A 247 7.25 28.90 -22.57
C ASP A 247 8.02 27.57 -22.56
N PHE A 248 7.33 26.47 -22.87
CA PHE A 248 7.97 25.16 -22.85
C PHE A 248 9.02 24.97 -23.95
N SER A 249 9.16 25.94 -24.85
CA SER A 249 10.23 25.92 -25.84
C SER A 249 11.55 26.31 -25.12
N LYS A 250 11.49 27.17 -24.08
CA LYS A 250 12.66 27.61 -23.31
C LYS A 250 12.97 26.67 -22.11
N VAL A 251 12.03 25.78 -21.74
CA VAL A 251 12.17 24.85 -20.63
C VAL A 251 12.64 23.48 -21.15
N VAL A 252 12.03 23.00 -22.23
CA VAL A 252 12.43 21.74 -22.85
C VAL A 252 12.57 21.93 -24.37
N PRO A 253 13.59 22.68 -24.84
CA PRO A 253 13.71 22.94 -26.28
C PRO A 253 13.70 21.74 -27.24
N PRO A 254 14.42 20.61 -26.99
CA PRO A 254 14.39 19.52 -27.99
C PRO A 254 13.06 18.80 -28.15
N LEU A 255 12.13 19.01 -27.22
CA LEU A 255 10.85 18.31 -27.26
C LEU A 255 9.89 18.85 -28.30
N ASP A 256 9.12 17.96 -28.93
CA ASP A 256 8.16 18.36 -29.94
C ASP A 256 6.85 18.90 -29.33
N GLU A 257 5.83 19.20 -30.15
CA GLU A 257 4.56 19.72 -29.67
C GLU A 257 3.83 18.66 -28.83
N ASP A 258 3.90 17.38 -29.26
CA ASP A 258 3.27 16.29 -28.52
C ASP A 258 3.96 16.10 -27.16
N GLY A 259 5.30 16.18 -27.15
CA GLY A 259 6.11 16.05 -25.95
C GLY A 259 5.84 17.15 -24.96
N ARG A 260 5.80 18.40 -25.43
CA ARG A 260 5.53 19.55 -24.56
C ARG A 260 4.16 19.44 -23.91
N SER A 261 3.17 18.87 -24.66
CA SER A 261 1.81 18.64 -24.20
C SER A 261 1.77 17.68 -23.02
N LEU A 262 2.36 16.49 -23.18
CA LEU A 262 2.37 15.47 -22.15
C LEU A 262 3.07 15.96 -20.89
N LEU A 263 4.16 16.72 -21.05
CA LEU A 263 4.89 17.24 -19.91
C LEU A 263 4.06 18.26 -19.13
N SER A 264 3.28 19.10 -19.80
CA SER A 264 2.43 20.08 -19.11
C SER A 264 1.32 19.37 -18.35
N GLN A 265 0.78 18.28 -18.91
CA GLN A 265 -0.28 17.50 -18.27
C GLN A 265 0.26 16.71 -17.07
N MET A 266 1.53 16.31 -17.14
CA MET A 266 2.19 15.63 -16.04
C MET A 266 2.58 16.61 -14.95
N LEU A 267 2.86 17.88 -15.29
CA LEU A 267 3.26 18.88 -14.29
C LEU A 267 2.16 19.88 -13.99
N HIS A 268 0.89 19.44 -14.09
CA HIS A 268 -0.25 20.29 -13.78
C HIS A 268 -0.28 20.55 -12.27
N TYR A 269 -0.49 21.80 -11.83
CA TYR A 269 -0.51 22.11 -10.40
C TYR A 269 -1.53 21.31 -9.62
N ASP A 270 -2.76 21.23 -10.16
CA ASP A 270 -3.89 20.56 -9.53
C ASP A 270 -3.76 19.04 -9.57
N PRO A 271 -3.67 18.40 -8.39
CA PRO A 271 -3.57 16.93 -8.35
C PRO A 271 -4.75 16.19 -8.97
N ASN A 272 -5.92 16.87 -9.05
CA ASN A 272 -7.14 16.31 -9.65
C ASN A 272 -7.17 16.45 -11.17
N LYS A 273 -6.43 17.43 -11.71
CA LYS A 273 -6.38 17.64 -13.15
C LYS A 273 -5.15 16.96 -13.78
N ARG A 274 -4.06 16.79 -13.00
CA ARG A 274 -2.80 16.17 -13.44
C ARG A 274 -3.09 14.80 -14.05
N ILE A 275 -2.59 14.54 -15.26
CA ILE A 275 -2.82 13.30 -16.00
C ILE A 275 -2.54 12.05 -15.16
N SER A 276 -3.18 10.94 -15.48
CA SER A 276 -2.92 9.68 -14.76
C SER A 276 -1.90 8.85 -15.57
N ALA A 277 -1.34 7.75 -15.00
CA ALA A 277 -0.39 6.93 -15.77
C ALA A 277 -1.11 6.25 -16.93
N LYS A 278 -2.34 5.74 -16.68
CA LYS A 278 -3.18 5.11 -17.70
C LYS A 278 -3.49 6.09 -18.84
N ALA A 279 -3.93 7.32 -18.48
CA ALA A 279 -4.25 8.34 -19.49
C ALA A 279 -3.01 8.77 -20.27
N ALA A 280 -1.86 8.89 -19.58
CA ALA A 280 -0.60 9.27 -20.23
C ALA A 280 -0.21 8.27 -21.31
N LEU A 281 -0.45 6.96 -21.08
CA LEU A 281 -0.15 5.93 -22.07
C LEU A 281 -0.92 6.13 -23.38
N ALA A 282 -2.12 6.73 -23.31
CA ALA A 282 -2.97 7.02 -24.48
C ALA A 282 -2.57 8.30 -25.24
N HIS A 283 -1.75 9.16 -24.64
CA HIS A 283 -1.34 10.42 -25.24
C HIS A 283 -0.75 10.26 -26.65
N PRO A 284 -1.04 11.21 -27.57
CA PRO A 284 -0.46 11.12 -28.92
C PRO A 284 1.07 11.09 -29.02
N PHE A 285 1.82 11.38 -27.93
CA PHE A 285 3.29 11.38 -27.97
C PHE A 285 3.86 9.96 -28.20
N PHE A 286 3.13 8.94 -27.69
CA PHE A 286 3.48 7.52 -27.81
C PHE A 286 2.71 6.81 -28.92
N GLN A 287 2.04 7.53 -29.84
CA GLN A 287 1.24 6.91 -30.91
C GLN A 287 2.10 6.02 -31.82
N ASP A 288 3.39 6.36 -31.99
CA ASP A 288 4.29 5.56 -32.80
C ASP A 288 4.73 4.28 -32.06
N VAL A 289 4.78 4.32 -30.72
CA VAL A 289 5.19 3.16 -29.92
C VAL A 289 4.03 2.17 -29.72
N THR A 290 2.84 2.69 -29.34
CA THR A 290 1.69 1.84 -29.07
C THR A 290 0.59 1.95 -30.12
N LYS A 291 -0.23 0.89 -30.23
CA LYS A 291 -1.36 0.85 -31.15
C LYS A 291 -2.62 0.71 -30.30
N PRO A 292 -3.56 1.68 -30.41
CA PRO A 292 -4.77 1.64 -29.57
C PRO A 292 -5.64 0.39 -29.72
N VAL A 293 -6.37 0.07 -28.65
CA VAL A 293 -7.24 -1.10 -28.58
C VAL A 293 -8.72 -0.73 -28.65
N PRO A 294 -9.55 -1.64 -29.18
CA PRO A 294 -10.99 -1.37 -29.23
C PRO A 294 -11.58 -1.34 -27.83
N HIS A 295 -12.31 -0.27 -27.51
CA HIS A 295 -12.90 -0.13 -26.19
C HIS A 295 -14.31 -0.71 -26.19
N LEU A 296 -14.62 -1.57 -25.23
CA LEU A 296 -15.94 -2.17 -25.13
C LEU A 296 -16.91 -1.13 -24.57
N ARG A 297 -17.83 -0.62 -25.42
CA ARG A 297 -18.81 0.41 -25.06
C ARG A 297 -19.73 0.03 -23.91
N LEU A 298 -19.91 -1.27 -23.67
CA LEU A 298 -20.78 -1.82 -22.61
C LEU A 298 -20.39 -1.30 -21.21
N SER B 10 -18.57 -4.76 -11.11
CA SER B 10 -17.74 -3.56 -10.97
C SER B 10 -18.57 -2.36 -10.52
N PRO B 11 -18.73 -2.19 -9.20
CA PRO B 11 -19.51 -1.05 -8.69
C PRO B 11 -18.73 0.26 -8.61
N LEU B 12 -17.39 0.24 -8.78
CA LEU B 12 -16.57 1.43 -8.71
C LEU B 12 -16.90 2.33 -9.90
N PRO B 13 -17.05 3.65 -9.68
CA PRO B 13 -17.30 4.55 -10.83
C PRO B 13 -16.08 4.70 -11.74
N VAL B 14 -16.20 5.35 -12.92
CA VAL B 14 -15.08 5.53 -13.85
C VAL B 14 -13.87 6.18 -13.16
N LEU B 15 -12.89 5.37 -12.77
CA LEU B 15 -11.74 5.85 -12.02
C LEU B 15 -10.77 6.63 -12.89
N SER B 16 -10.31 7.79 -12.40
CA SER B 16 -9.37 8.65 -13.10
C SER B 16 -7.95 8.06 -13.19
N TRP B 17 -7.44 7.50 -12.05
CA TRP B 17 -6.12 6.88 -11.87
C TRP B 17 -5.85 5.64 -12.75
N ALA B 18 -6.84 4.74 -12.81
CA ALA B 18 -6.77 3.49 -13.56
C ALA B 18 -8.20 3.04 -14.01
N ASN B 19 -8.32 1.98 -14.84
CA ASN B 19 -9.64 1.49 -15.28
C ASN B 19 -10.48 1.03 -14.06
N ARG B 20 -11.72 1.54 -13.94
CA ARG B 20 -12.68 1.22 -12.87
C ARG B 20 -12.81 -0.29 -12.65
N GLU B 21 -12.92 -1.06 -13.75
CA GLU B 21 -13.05 -2.51 -13.74
C GLU B 21 -11.71 -3.21 -13.49
N GLU B 22 -10.59 -2.61 -13.92
CA GLU B 22 -9.26 -3.14 -13.73
C GLU B 22 -8.86 -3.14 -12.26
N VAL B 23 -9.19 -2.05 -11.53
CA VAL B 23 -8.89 -1.96 -10.11
C VAL B 23 -9.72 -3.00 -9.34
N TRP B 24 -11.01 -3.07 -9.66
CA TRP B 24 -11.96 -4.00 -9.06
C TRP B 24 -11.58 -5.46 -9.29
N LYS B 25 -11.21 -5.82 -10.52
CA LYS B 25 -10.81 -7.19 -10.86
C LYS B 25 -9.55 -7.61 -10.13
N ILE B 26 -8.60 -6.68 -9.94
CA ILE B 26 -7.35 -6.95 -9.22
C ILE B 26 -7.64 -7.27 -7.76
N MET B 27 -8.59 -6.53 -7.15
CA MET B 27 -9.04 -6.75 -5.78
C MET B 27 -9.71 -8.12 -5.64
N LEU B 28 -10.49 -8.53 -6.65
CA LEU B 28 -11.15 -9.83 -6.62
C LEU B 28 -10.14 -10.95 -6.81
N ASN B 29 -9.15 -10.76 -7.69
CA ASN B 29 -8.11 -11.77 -7.92
C ASN B 29 -7.21 -11.97 -6.69
N LYS B 30 -7.14 -10.98 -5.78
CA LYS B 30 -6.37 -11.11 -4.55
C LYS B 30 -7.06 -12.12 -3.62
N GLU B 31 -8.39 -12.04 -3.45
CA GLU B 31 -9.15 -13.00 -2.63
C GLU B 31 -8.97 -14.43 -3.16
N LYS B 32 -8.87 -14.60 -4.49
CA LYS B 32 -8.68 -15.90 -5.09
C LYS B 32 -7.31 -16.49 -4.75
N THR B 33 -6.29 -15.65 -4.57
CA THR B 33 -4.94 -16.12 -4.22
C THR B 33 -4.76 -16.32 -2.70
N TYR B 34 -5.35 -15.43 -1.87
CA TYR B 34 -5.23 -15.55 -0.41
C TYR B 34 -6.30 -16.51 0.11
N LEU B 35 -5.90 -17.67 0.67
CA LEU B 35 -6.87 -18.68 1.13
C LEU B 35 -7.02 -18.82 2.63
N ARG B 36 -8.27 -18.99 3.09
CA ARG B 36 -8.56 -19.19 4.51
C ARG B 36 -9.46 -20.44 4.69
N ASP B 37 -9.29 -21.17 5.81
CA ASP B 37 -10.05 -22.41 6.03
C ASP B 37 -10.84 -22.38 7.33
N GLN B 38 -12.16 -22.57 7.26
CA GLN B 38 -13.03 -22.58 8.44
C GLN B 38 -12.84 -23.82 9.34
N HIS B 39 -12.13 -24.84 8.85
CA HIS B 39 -11.87 -26.09 9.59
C HIS B 39 -10.39 -26.24 9.94
N PHE B 40 -9.61 -25.13 10.03
CA PHE B 40 -8.19 -25.24 10.35
C PHE B 40 -7.97 -25.85 11.72
N LEU B 41 -8.92 -25.71 12.66
CA LEU B 41 -8.76 -26.30 13.99
C LEU B 41 -8.87 -27.84 14.00
N GLU B 42 -9.28 -28.45 12.88
CA GLU B 42 -9.27 -29.91 12.73
C GLU B 42 -7.81 -30.46 12.59
N GLN B 43 -6.83 -29.57 12.35
CA GLN B 43 -5.40 -29.86 12.31
C GLN B 43 -4.76 -29.71 13.70
N HIS B 44 -5.44 -29.07 14.66
CA HIS B 44 -4.93 -28.86 16.01
C HIS B 44 -6.05 -29.38 16.93
N PRO B 45 -6.07 -30.70 17.18
CA PRO B 45 -7.17 -31.30 17.97
C PRO B 45 -7.25 -30.81 19.41
N LEU B 46 -6.10 -30.46 19.98
CA LEU B 46 -6.01 -29.93 21.34
C LEU B 46 -6.74 -28.58 21.51
N LEU B 47 -7.02 -27.89 20.39
CA LEU B 47 -7.66 -26.58 20.39
C LEU B 47 -9.15 -26.61 20.04
N GLN B 48 -9.92 -25.73 20.68
CA GLN B 48 -11.36 -25.60 20.41
C GLN B 48 -11.73 -24.23 19.84
N PRO B 49 -12.76 -24.12 18.98
CA PRO B 49 -13.11 -22.82 18.38
C PRO B 49 -13.35 -21.66 19.34
N LYS B 50 -13.70 -21.94 20.61
CA LYS B 50 -13.89 -20.88 21.59
C LYS B 50 -12.54 -20.24 22.00
N MET B 51 -11.41 -20.95 21.81
CA MET B 51 -10.06 -20.48 22.11
C MET B 51 -9.66 -19.34 21.15
N ARG B 52 -9.97 -19.50 19.87
CA ARG B 52 -9.71 -18.48 18.85
C ARG B 52 -10.52 -17.21 19.14
N ALA B 53 -11.77 -17.38 19.58
CA ALA B 53 -12.68 -16.30 19.91
C ALA B 53 -12.14 -15.47 21.09
N ILE B 54 -11.61 -16.13 22.12
CA ILE B 54 -11.07 -15.41 23.27
C ILE B 54 -9.77 -14.68 22.89
N LEU B 55 -8.97 -15.29 22.01
CA LEU B 55 -7.74 -14.69 21.56
C LEU B 55 -8.00 -13.43 20.75
N LEU B 56 -8.89 -13.49 19.72
CA LEU B 56 -9.20 -12.33 18.89
C LEU B 56 -9.86 -11.20 19.68
N ASP B 57 -10.69 -11.55 20.67
CA ASP B 57 -11.32 -10.58 21.53
C ASP B 57 -10.27 -9.85 22.36
N TRP B 58 -9.25 -10.58 22.84
CA TRP B 58 -8.14 -10.03 23.60
C TRP B 58 -7.30 -9.10 22.72
N LEU B 59 -6.93 -9.55 21.51
CA LEU B 59 -6.19 -8.71 20.56
C LEU B 59 -6.94 -7.44 20.23
N MET B 60 -8.28 -7.53 20.09
CA MET B 60 -9.15 -6.38 19.85
C MET B 60 -9.04 -5.38 20.98
N GLU B 61 -8.97 -5.85 22.23
CA GLU B 61 -8.87 -4.97 23.39
C GLU B 61 -7.51 -4.30 23.47
N VAL B 62 -6.40 -5.04 23.25
CA VAL B 62 -5.08 -4.42 23.25
C VAL B 62 -4.94 -3.41 22.09
N CYS B 63 -5.71 -3.58 20.99
CA CYS B 63 -5.70 -2.65 19.88
C CYS B 63 -6.34 -1.34 20.33
N GLU B 64 -7.49 -1.42 21.02
CA GLU B 64 -8.19 -0.25 21.53
C GLU B 64 -7.30 0.50 22.54
N VAL B 65 -6.65 -0.24 23.46
CA VAL B 65 -5.73 0.29 24.46
C VAL B 65 -4.62 1.12 23.80
N TYR B 66 -3.96 0.56 22.76
CA TYR B 66 -2.88 1.27 22.07
C TYR B 66 -3.37 2.11 20.88
N LYS B 67 -4.70 2.34 20.78
CA LYS B 67 -5.35 3.13 19.74
C LYS B 67 -4.93 2.74 18.34
N LEU B 68 -4.83 1.43 18.10
CA LEU B 68 -4.42 0.86 16.83
C LEU B 68 -5.59 0.80 15.84
N HIS B 69 -5.28 0.96 14.55
CA HIS B 69 -6.24 0.93 13.46
C HIS B 69 -6.99 -0.39 13.33
N ARG B 70 -8.22 -0.34 12.79
CA ARG B 70 -9.02 -1.55 12.57
C ARG B 70 -8.32 -2.45 11.55
N GLU B 71 -7.62 -1.85 10.55
CA GLU B 71 -6.84 -2.59 9.57
C GLU B 71 -5.75 -3.39 10.25
N THR B 72 -5.11 -2.83 11.30
CA THR B 72 -4.08 -3.53 12.06
C THR B 72 -4.65 -4.75 12.73
N PHE B 73 -5.84 -4.63 13.34
CA PHE B 73 -6.48 -5.78 13.97
C PHE B 73 -6.80 -6.86 12.93
N TYR B 74 -7.39 -6.45 11.80
CA TYR B 74 -7.78 -7.41 10.77
C TYR B 74 -6.60 -8.03 10.05
N LEU B 75 -5.43 -7.36 10.06
CA LEU B 75 -4.23 -7.94 9.48
C LEU B 75 -3.80 -9.06 10.40
N ALA B 76 -3.70 -8.78 11.71
CA ALA B 76 -3.35 -9.79 12.71
C ALA B 76 -4.33 -10.97 12.71
N GLN B 77 -5.65 -10.74 12.55
CA GLN B 77 -6.63 -11.83 12.50
C GLN B 77 -6.32 -12.75 11.31
N ASP B 78 -6.08 -12.15 10.14
CA ASP B 78 -5.84 -12.92 8.93
C ASP B 78 -4.51 -13.62 8.97
N PHE B 79 -3.49 -13.01 9.58
CA PHE B 79 -2.17 -13.62 9.72
C PHE B 79 -2.30 -14.84 10.62
N PHE B 80 -2.99 -14.70 11.78
CA PHE B 80 -3.23 -15.78 12.72
C PHE B 80 -4.01 -16.95 12.11
N ASP B 81 -5.12 -16.66 11.43
CA ASP B 81 -5.96 -17.69 10.84
C ASP B 81 -5.24 -18.42 9.71
N ARG B 82 -4.54 -17.68 8.84
CA ARG B 82 -3.82 -18.29 7.73
C ARG B 82 -2.57 -19.07 8.17
N TYR B 83 -1.91 -18.62 9.25
CA TYR B 83 -0.71 -19.25 9.76
C TYR B 83 -1.05 -20.60 10.37
N MET B 84 -2.09 -20.64 11.20
CA MET B 84 -2.54 -21.87 11.83
C MET B 84 -2.97 -22.90 10.78
N ALA B 85 -3.43 -22.49 9.60
CA ALA B 85 -3.78 -23.43 8.52
C ALA B 85 -2.53 -24.18 7.99
N THR B 86 -1.35 -23.63 8.20
CA THR B 86 -0.07 -24.19 7.80
C THR B 86 0.56 -25.04 8.94
N GLN B 87 0.06 -24.90 10.18
CA GLN B 87 0.54 -25.56 11.39
C GLN B 87 -0.30 -26.78 11.84
N GLU B 88 0.19 -27.52 12.84
CA GLU B 88 -0.46 -28.71 13.38
C GLU B 88 -0.24 -28.86 14.86
N ASN B 89 -1.20 -29.47 15.54
CA ASN B 89 -1.14 -29.79 16.97
C ASN B 89 -0.62 -28.64 17.85
N VAL B 90 -1.17 -27.45 17.67
CA VAL B 90 -0.78 -26.30 18.47
C VAL B 90 -1.41 -26.42 19.85
N VAL B 91 -0.68 -25.99 20.86
CA VAL B 91 -1.12 -26.06 22.25
C VAL B 91 -1.76 -24.74 22.71
N LYS B 92 -2.70 -24.81 23.65
CA LYS B 92 -3.42 -23.68 24.23
C LYS B 92 -2.46 -22.55 24.67
N THR B 93 -1.34 -22.90 25.31
CA THR B 93 -0.35 -21.93 25.80
C THR B 93 0.38 -21.16 24.70
N LEU B 94 0.57 -21.80 23.53
CA LEU B 94 1.26 -21.16 22.42
C LEU B 94 0.44 -20.09 21.69
N LEU B 95 -0.88 -20.08 21.86
CA LEU B 95 -1.75 -19.14 21.16
C LEU B 95 -1.51 -17.66 21.50
N GLN B 96 -1.23 -17.30 22.77
CA GLN B 96 -1.01 -15.89 23.11
C GLN B 96 0.14 -15.26 22.31
N LEU B 97 1.23 -16.02 22.11
CA LEU B 97 2.44 -15.61 21.39
C LEU B 97 2.21 -15.47 19.88
N ILE B 98 1.49 -16.39 19.29
CA ILE B 98 1.21 -16.35 17.86
C ILE B 98 0.32 -15.14 17.51
N GLY B 99 -0.67 -14.87 18.36
CA GLY B 99 -1.58 -13.75 18.15
C GLY B 99 -0.92 -12.40 18.30
N ILE B 100 -0.14 -12.22 19.38
CA ILE B 100 0.56 -10.97 19.63
C ILE B 100 1.70 -10.73 18.63
N SER B 101 2.30 -11.80 18.08
CA SER B 101 3.35 -11.66 17.06
C SER B 101 2.69 -11.34 15.73
N SER B 102 1.50 -11.91 15.44
CA SER B 102 0.72 -11.55 14.24
C SER B 102 0.36 -10.04 14.32
N LEU B 103 0.03 -9.55 15.53
CA LEU B 103 -0.29 -8.15 15.75
C LEU B 103 0.94 -7.24 15.64
N PHE B 104 2.11 -7.78 16.01
CA PHE B 104 3.36 -7.06 15.94
C PHE B 104 3.70 -6.75 14.49
N ILE B 105 3.56 -7.76 13.61
CA ILE B 105 3.81 -7.61 12.18
C ILE B 105 2.83 -6.64 11.57
N ALA B 106 1.53 -6.81 11.90
CA ALA B 106 0.47 -5.94 11.43
C ALA B 106 0.73 -4.47 11.82
N ALA B 107 1.06 -4.19 13.09
CA ALA B 107 1.31 -2.82 13.52
C ALA B 107 2.48 -2.20 12.76
N LYS B 108 3.55 -2.95 12.56
CA LYS B 108 4.69 -2.48 11.80
C LYS B 108 4.34 -2.19 10.34
N LEU B 109 3.42 -2.94 9.76
CA LEU B 109 3.02 -2.73 8.37
C LEU B 109 2.04 -1.57 8.18
N GLU B 110 1.04 -1.47 9.07
CA GLU B 110 -0.04 -0.51 8.95
C GLU B 110 0.16 0.82 9.67
N GLU B 111 0.63 0.81 10.93
CA GLU B 111 0.82 2.05 11.68
C GLU B 111 2.01 2.88 11.21
N ILE B 112 2.00 4.21 11.49
CA ILE B 112 3.10 5.10 11.12
C ILE B 112 4.14 5.08 12.25
N TYR B 113 3.67 5.21 13.49
CA TYR B 113 4.55 5.12 14.65
C TYR B 113 3.96 4.00 15.47
N PRO B 114 4.25 2.75 15.10
CA PRO B 114 3.66 1.62 15.82
C PRO B 114 4.22 1.44 17.24
N PRO B 115 3.52 0.69 18.13
CA PRO B 115 4.07 0.48 19.47
C PRO B 115 5.36 -0.32 19.42
N LYS B 116 6.25 -0.07 20.38
CA LYS B 116 7.52 -0.77 20.45
C LYS B 116 7.35 -2.21 20.95
N LEU B 117 8.26 -3.09 20.56
CA LEU B 117 8.28 -4.49 20.93
C LEU B 117 8.09 -4.73 22.45
N HIS B 118 8.66 -3.86 23.28
CA HIS B 118 8.52 -4.00 24.74
C HIS B 118 7.08 -3.76 25.23
N GLN B 119 6.26 -3.02 24.46
CA GLN B 119 4.84 -2.80 24.80
C GLN B 119 3.99 -4.03 24.41
N PHE B 120 4.38 -4.71 23.34
CA PHE B 120 3.74 -5.96 22.89
C PHE B 120 4.04 -7.08 23.88
N ALA B 121 5.26 -7.11 24.45
CA ALA B 121 5.63 -8.08 25.47
C ALA B 121 4.90 -7.72 26.77
N TYR B 122 4.84 -6.41 27.10
CA TYR B 122 4.17 -5.90 28.29
C TYR B 122 2.70 -6.34 28.42
N VAL B 123 1.91 -6.33 27.33
CA VAL B 123 0.50 -6.73 27.41
C VAL B 123 0.29 -8.21 27.68
N THR B 124 1.33 -9.05 27.50
CA THR B 124 1.18 -10.48 27.80
C THR B 124 1.45 -10.83 29.27
N ASP B 125 1.56 -9.82 30.17
CA ASP B 125 1.82 -9.98 31.61
C ASP B 125 3.02 -10.89 31.89
N GLY B 126 4.06 -10.79 31.06
CA GLY B 126 5.27 -11.59 31.23
C GLY B 126 5.28 -12.96 30.58
N ALA B 127 4.14 -13.43 30.06
CA ALA B 127 4.08 -14.75 29.41
C ALA B 127 4.78 -14.80 28.03
N CYS B 128 5.12 -13.62 27.47
CA CYS B 128 5.82 -13.50 26.21
C CYS B 128 6.91 -12.44 26.38
N SER B 129 8.09 -12.71 25.85
CA SER B 129 9.21 -11.78 25.92
C SER B 129 9.55 -11.34 24.49
N GLY B 130 10.30 -10.24 24.37
CA GLY B 130 10.73 -9.71 23.08
C GLY B 130 11.36 -10.72 22.15
N ASP B 131 12.25 -11.56 22.67
CA ASP B 131 12.92 -12.57 21.86
C ASP B 131 11.98 -13.64 21.34
N GLU B 132 10.96 -13.99 22.14
CA GLU B 132 9.97 -14.98 21.72
C GLU B 132 9.13 -14.43 20.56
N ILE B 133 8.76 -13.12 20.63
CA ILE B 133 7.99 -12.43 19.61
C ILE B 133 8.80 -12.22 18.33
N LEU B 134 10.11 -11.95 18.45
CA LEU B 134 10.95 -11.80 17.24
C LEU B 134 11.21 -13.14 16.57
N THR B 135 11.21 -14.23 17.35
CA THR B 135 11.38 -15.57 16.82
C THR B 135 10.08 -15.95 16.12
N MET B 136 8.92 -15.73 16.80
CA MET B 136 7.60 -16.06 16.27
C MET B 136 7.24 -15.28 15.02
N GLU B 137 7.52 -13.95 14.96
CA GLU B 137 7.21 -13.18 13.76
C GLU B 137 7.91 -13.74 12.53
N LEU B 138 9.15 -14.23 12.69
CA LEU B 138 9.89 -14.85 11.61
C LEU B 138 9.26 -16.16 11.19
N MET B 139 8.79 -16.97 12.15
CA MET B 139 8.11 -18.22 11.81
C MET B 139 6.82 -17.93 11.06
N ILE B 140 6.06 -16.91 11.50
CA ILE B 140 4.81 -16.52 10.85
C ILE B 140 5.05 -16.05 9.43
N MET B 141 5.96 -15.08 9.24
CA MET B 141 6.21 -14.51 7.93
C MET B 141 6.75 -15.53 6.94
N LYS B 142 7.62 -16.41 7.41
CA LYS B 142 8.19 -17.45 6.55
C LYS B 142 7.13 -18.46 6.17
N ALA B 143 6.31 -18.92 7.14
CA ALA B 143 5.24 -19.88 6.84
C ALA B 143 4.19 -19.29 5.92
N LEU B 144 3.86 -17.98 6.08
CA LEU B 144 2.90 -17.33 5.19
C LEU B 144 3.47 -17.01 3.79
N LYS B 145 4.72 -17.44 3.50
CA LYS B 145 5.46 -17.19 2.26
C LYS B 145 5.62 -15.68 1.98
N TRP B 146 5.68 -14.86 3.05
CA TRP B 146 5.80 -13.40 2.94
C TRP B 146 4.59 -12.73 2.24
N ARG B 147 3.45 -13.41 2.17
CA ARG B 147 2.25 -12.85 1.57
C ARG B 147 1.49 -12.17 2.72
N LEU B 148 1.87 -10.94 3.02
CA LEU B 148 1.29 -10.19 4.12
C LEU B 148 0.52 -8.94 3.63
N SER B 149 0.06 -8.93 2.37
CA SER B 149 -0.71 -7.82 1.82
C SER B 149 -2.14 -8.25 1.42
N PRO B 150 -2.96 -8.84 2.32
CA PRO B 150 -4.31 -9.25 1.92
C PRO B 150 -5.31 -8.11 2.01
N LEU B 151 -6.50 -8.34 1.46
CA LEU B 151 -7.58 -7.39 1.58
C LEU B 151 -8.36 -7.87 2.79
N THR B 152 -8.32 -7.13 3.91
CA THR B 152 -9.02 -7.54 5.12
C THR B 152 -10.56 -7.39 5.00
N ILE B 153 -11.30 -7.91 5.98
CA ILE B 153 -12.75 -7.77 6.06
C ILE B 153 -13.08 -6.27 6.20
N VAL B 154 -12.34 -5.54 7.04
CA VAL B 154 -12.57 -4.12 7.22
C VAL B 154 -12.18 -3.29 6.00
N SER B 155 -11.17 -3.70 5.22
CA SER B 155 -10.78 -2.93 4.04
C SER B 155 -11.93 -2.84 3.03
N TRP B 156 -12.65 -3.94 2.86
CA TRP B 156 -13.81 -3.98 1.96
C TRP B 156 -14.86 -2.99 2.41
N LEU B 157 -15.15 -2.94 3.72
CA LEU B 157 -16.11 -1.99 4.30
C LEU B 157 -15.74 -0.56 3.93
N ASN B 158 -14.45 -0.21 4.04
CA ASN B 158 -13.93 1.10 3.67
C ASN B 158 -14.17 1.40 2.19
N VAL B 159 -13.87 0.45 1.30
CA VAL B 159 -14.11 0.57 -0.14
C VAL B 159 -15.60 0.79 -0.40
N TYR B 160 -16.47 0.00 0.25
CA TYR B 160 -17.92 0.12 0.10
C TYR B 160 -18.46 1.46 0.56
N MET B 161 -17.86 2.05 1.60
CA MET B 161 -18.28 3.37 2.09
C MET B 161 -17.80 4.46 1.14
N GLN B 162 -16.57 4.34 0.62
CA GLN B 162 -16.05 5.29 -0.35
C GLN B 162 -16.87 5.32 -1.62
N VAL B 163 -17.35 4.15 -2.09
CA VAL B 163 -18.16 4.07 -3.31
C VAL B 163 -19.52 4.72 -3.11
N ALA B 164 -20.21 4.40 -2.00
CA ALA B 164 -21.52 4.94 -1.64
C ALA B 164 -21.55 6.46 -1.47
N TYR B 165 -20.38 7.09 -1.25
CA TYR B 165 -20.35 8.53 -1.02
C TYR B 165 -19.59 9.30 -2.11
N LEU B 166 -18.81 8.60 -2.97
CA LEU B 166 -18.21 9.24 -4.15
C LEU B 166 -19.32 9.49 -5.23
N ASN B 167 -20.44 8.73 -5.17
CA ASN B 167 -21.57 8.85 -6.08
C ASN B 167 -22.60 9.83 -5.49
N GLN B 176 -14.01 10.64 1.25
CA GLN B 176 -14.54 10.61 2.61
C GLN B 176 -16.03 10.16 2.68
N TYR B 177 -16.49 9.77 3.91
CA TYR B 177 -17.84 9.26 4.17
C TYR B 177 -18.26 9.44 5.69
N PRO B 178 -19.55 9.23 6.08
CA PRO B 178 -19.92 9.40 7.51
C PRO B 178 -19.51 8.23 8.41
N GLN B 179 -18.76 8.61 9.45
CA GLN B 179 -18.10 7.77 10.45
C GLN B 179 -19.02 6.87 11.29
N GLN B 180 -20.12 7.40 11.82
CA GLN B 180 -21.05 6.69 12.71
C GLN B 180 -21.59 5.38 12.11
N ILE B 181 -21.95 5.42 10.84
CA ILE B 181 -22.48 4.26 10.12
C ILE B 181 -21.40 3.20 9.93
N PHE B 182 -20.19 3.65 9.62
CA PHE B 182 -19.04 2.78 9.43
C PHE B 182 -18.76 1.93 10.68
N ILE B 183 -18.68 2.57 11.87
CA ILE B 183 -18.39 1.87 13.10
C ILE B 183 -19.50 0.90 13.51
N GLN B 184 -20.74 1.15 13.10
CA GLN B 184 -21.84 0.26 13.43
C GLN B 184 -21.72 -1.03 12.65
N ILE B 185 -21.36 -0.95 11.36
CA ILE B 185 -21.15 -2.13 10.52
C ILE B 185 -19.86 -2.85 10.94
N ALA B 186 -18.81 -2.10 11.30
CA ALA B 186 -17.56 -2.69 11.77
C ALA B 186 -17.80 -3.49 13.05
N GLU B 187 -18.64 -2.96 13.96
CA GLU B 187 -19.03 -3.60 15.23
C GLU B 187 -19.66 -4.96 15.01
N LEU B 188 -20.45 -5.11 13.94
CA LEU B 188 -21.10 -6.37 13.63
C LEU B 188 -20.07 -7.35 13.02
N LEU B 189 -19.15 -6.85 12.19
CA LEU B 189 -18.10 -7.69 11.59
C LEU B 189 -17.11 -8.17 12.66
N ASP B 190 -16.86 -7.36 13.70
CA ASP B 190 -15.97 -7.76 14.79
C ASP B 190 -16.57 -8.96 15.54
N LEU B 191 -17.91 -9.01 15.67
CA LEU B 191 -18.56 -10.12 16.33
C LEU B 191 -18.50 -11.34 15.44
N CYS B 192 -18.80 -11.22 14.16
CA CYS B 192 -18.79 -12.35 13.23
C CYS B 192 -17.42 -12.97 13.06
N VAL B 193 -16.36 -12.15 13.19
CA VAL B 193 -14.98 -12.61 13.02
C VAL B 193 -14.59 -13.60 14.14
N LEU B 194 -15.18 -13.46 15.35
CA LEU B 194 -14.91 -14.35 16.47
C LEU B 194 -15.43 -15.80 16.24
N ASP B 195 -16.30 -16.02 15.24
CA ASP B 195 -16.76 -17.37 14.90
C ASP B 195 -15.95 -17.83 13.70
N VAL B 196 -15.19 -18.92 13.84
CA VAL B 196 -14.33 -19.43 12.77
C VAL B 196 -15.11 -19.83 11.50
N ASP B 197 -16.45 -19.96 11.59
CA ASP B 197 -17.24 -20.32 10.40
C ASP B 197 -17.33 -19.20 9.38
N CYS B 198 -17.07 -17.93 9.79
CA CYS B 198 -17.03 -16.80 8.87
C CYS B 198 -16.00 -17.02 7.76
N LEU B 199 -14.91 -17.74 8.07
CA LEU B 199 -13.87 -18.02 7.10
C LEU B 199 -14.33 -18.85 5.90
N GLU B 200 -15.59 -19.32 5.88
CA GLU B 200 -16.11 -20.01 4.70
C GLU B 200 -16.57 -19.04 3.62
N PHE B 201 -16.91 -17.80 4.01
CA PHE B 201 -17.37 -16.77 3.10
C PHE B 201 -16.21 -15.84 2.80
N PRO B 202 -15.99 -15.52 1.52
CA PRO B 202 -14.93 -14.55 1.18
C PRO B 202 -15.03 -13.25 1.97
N TYR B 203 -13.91 -12.56 2.19
CA TYR B 203 -13.89 -11.35 3.00
C TYR B 203 -14.81 -10.23 2.47
N GLY B 204 -14.92 -10.13 1.14
CA GLY B 204 -15.76 -9.16 0.46
C GLY B 204 -17.24 -9.44 0.64
N ILE B 205 -17.58 -10.75 0.68
CA ILE B 205 -18.94 -11.26 0.90
C ILE B 205 -19.34 -10.95 2.33
N LEU B 206 -18.46 -11.25 3.29
CA LEU B 206 -18.68 -10.95 4.70
C LEU B 206 -19.01 -9.47 4.94
N ALA B 207 -18.27 -8.55 4.29
CA ALA B 207 -18.47 -7.11 4.44
C ALA B 207 -19.75 -6.63 3.79
N ALA B 208 -20.05 -7.10 2.58
CA ALA B 208 -21.28 -6.72 1.89
C ALA B 208 -22.50 -7.21 2.66
N SER B 209 -22.41 -8.44 3.24
CA SER B 209 -23.49 -9.03 4.02
C SER B 209 -23.74 -8.26 5.28
N ALA B 210 -22.70 -7.73 5.91
CA ALA B 210 -22.85 -6.95 7.11
C ALA B 210 -23.50 -5.61 6.79
N LEU B 211 -23.10 -4.99 5.65
CA LEU B 211 -23.62 -3.71 5.19
C LEU B 211 -25.12 -3.85 4.87
N TYR B 212 -25.51 -4.96 4.21
CA TYR B 212 -26.89 -5.30 3.88
C TYR B 212 -27.77 -5.28 5.14
N HIS B 213 -27.29 -5.87 6.26
CA HIS B 213 -28.05 -5.90 7.51
C HIS B 213 -28.36 -4.49 8.07
N PHE B 214 -27.55 -3.50 7.71
CA PHE B 214 -27.79 -2.12 8.12
C PHE B 214 -28.38 -1.26 7.00
N SER B 215 -28.63 -1.82 5.81
CA SER B 215 -29.11 -1.05 4.69
C SER B 215 -30.16 -1.84 3.87
N SER B 216 -29.81 -2.34 2.66
CA SER B 216 -30.69 -3.04 1.73
C SER B 216 -29.85 -3.74 0.65
N SER B 217 -30.48 -4.65 -0.11
CA SER B 217 -29.85 -5.38 -1.21
C SER B 217 -29.44 -4.40 -2.33
N GLU B 218 -30.28 -3.40 -2.59
CA GLU B 218 -30.05 -2.39 -3.60
C GLU B 218 -28.76 -1.62 -3.32
N LEU B 219 -28.56 -1.09 -2.09
CA LEU B 219 -27.33 -0.35 -1.77
C LEU B 219 -26.10 -1.27 -1.79
N MET B 220 -26.26 -2.51 -1.29
CA MET B 220 -25.22 -3.53 -1.26
C MET B 220 -24.74 -3.83 -2.69
N GLN B 221 -25.67 -3.92 -3.65
CA GLN B 221 -25.31 -4.20 -5.04
C GLN B 221 -24.67 -2.99 -5.72
N LYS B 222 -25.12 -1.78 -5.36
CA LYS B 222 -24.60 -0.53 -5.90
C LYS B 222 -23.14 -0.26 -5.48
N VAL B 223 -22.75 -0.69 -4.26
CA VAL B 223 -21.39 -0.41 -3.78
C VAL B 223 -20.45 -1.63 -3.83
N SER B 224 -21.00 -2.85 -3.90
CA SER B 224 -20.17 -4.05 -3.94
C SER B 224 -20.26 -4.83 -5.25
N GLY B 225 -21.26 -4.55 -6.08
CA GLY B 225 -21.43 -5.27 -7.33
C GLY B 225 -21.90 -6.71 -7.16
N TYR B 226 -22.06 -7.18 -5.91
CA TYR B 226 -22.53 -8.53 -5.64
C TYR B 226 -24.04 -8.57 -5.76
N GLN B 227 -24.56 -9.61 -6.40
CA GLN B 227 -26.00 -9.80 -6.51
C GLN B 227 -26.51 -10.48 -5.22
N TRP B 228 -27.83 -10.52 -5.03
CA TRP B 228 -28.41 -11.16 -3.86
C TRP B 228 -27.98 -12.63 -3.71
N CYS B 229 -27.95 -13.39 -4.82
CA CYS B 229 -27.57 -14.80 -4.79
C CYS B 229 -26.14 -15.01 -4.27
N ASP B 230 -25.25 -14.04 -4.56
CA ASP B 230 -23.86 -14.07 -4.12
C ASP B 230 -23.73 -13.98 -2.60
N ILE B 231 -24.56 -13.14 -1.97
CA ILE B 231 -24.44 -12.92 -0.52
C ILE B 231 -25.53 -13.58 0.32
N GLU B 232 -26.54 -14.22 -0.30
CA GLU B 232 -27.67 -14.84 0.39
C GLU B 232 -27.25 -15.88 1.44
N ASN B 233 -26.32 -16.77 1.07
CA ASN B 233 -25.81 -17.78 1.97
C ASN B 233 -25.15 -17.14 3.19
N CYS B 234 -24.32 -16.11 2.96
CA CYS B 234 -23.65 -15.39 4.05
C CYS B 234 -24.62 -14.64 4.96
N VAL B 235 -25.58 -13.89 4.39
CA VAL B 235 -26.61 -13.15 5.13
C VAL B 235 -27.40 -14.09 6.03
N LYS B 236 -27.66 -15.33 5.58
CA LYS B 236 -28.36 -16.31 6.40
C LYS B 236 -27.58 -16.67 7.66
N TRP B 237 -26.27 -16.97 7.52
CA TRP B 237 -25.38 -17.28 8.65
C TRP B 237 -25.22 -16.05 9.57
N MET B 238 -25.16 -14.84 8.98
CA MET B 238 -24.96 -13.58 9.70
C MET B 238 -26.13 -13.14 10.55
N VAL B 239 -27.33 -13.52 10.11
CA VAL B 239 -28.63 -13.19 10.70
C VAL B 239 -28.61 -13.22 12.28
N PRO B 240 -28.18 -14.31 12.97
CA PRO B 240 -28.19 -14.27 14.45
C PRO B 240 -27.33 -13.17 15.07
N PHE B 241 -26.16 -12.92 14.47
CA PHE B 241 -25.21 -11.92 14.98
C PHE B 241 -25.78 -10.52 14.84
N ALA B 242 -26.45 -10.26 13.71
CA ALA B 242 -27.09 -8.98 13.46
C ALA B 242 -28.17 -8.70 14.48
N MET B 243 -28.91 -9.73 14.92
CA MET B 243 -29.95 -9.56 15.92
C MET B 243 -29.46 -9.21 17.26
N VAL B 244 -28.36 -9.82 17.71
CA VAL B 244 -27.78 -9.49 18.99
C VAL B 244 -27.30 -8.03 18.98
N ILE B 245 -26.71 -7.57 17.85
CA ILE B 245 -26.24 -6.20 17.71
C ILE B 245 -27.45 -5.25 17.74
N ARG B 246 -28.54 -5.62 17.04
CA ARG B 246 -29.78 -4.84 17.00
C ARG B 246 -30.48 -4.76 18.36
N GLU B 247 -30.64 -5.89 19.05
CA GLU B 247 -31.26 -6.00 20.36
C GLU B 247 -30.65 -5.04 21.39
N THR B 248 -29.34 -4.85 21.35
CA THR B 248 -28.65 -3.99 22.31
C THR B 248 -28.46 -2.55 21.87
N GLY B 249 -28.56 -2.30 20.56
CA GLY B 249 -28.33 -0.97 20.00
C GLY B 249 -26.86 -0.82 19.63
N SER B 250 -26.57 -0.18 18.49
CA SER B 250 -25.18 0.02 18.09
C SER B 250 -24.49 1.14 18.86
N SER B 251 -23.16 1.03 19.05
CA SER B 251 -22.37 2.01 19.80
C SER B 251 -22.24 3.36 19.08
N LYS B 252 -21.76 4.39 19.81
CA LYS B 252 -21.53 5.71 19.24
C LYS B 252 -20.03 5.91 18.96
N LEU B 253 -19.70 6.86 18.10
CA LEU B 253 -18.31 7.14 17.73
C LEU B 253 -17.59 7.76 18.91
N LYS B 254 -16.42 7.21 19.29
CA LYS B 254 -15.64 7.76 20.41
C LYS B 254 -14.56 8.73 19.94
N HIS B 255 -14.01 9.55 20.86
CA HIS B 255 -12.90 10.45 20.56
C HIS B 255 -11.65 9.81 21.18
N PHE B 256 -10.54 9.88 20.45
CA PHE B 256 -9.29 9.30 20.92
C PHE B 256 -8.25 10.37 20.97
N ARG B 257 -7.58 10.49 22.13
CA ARG B 257 -6.55 11.51 22.33
C ARG B 257 -5.40 11.34 21.34
N GLY B 258 -5.04 12.44 20.68
CA GLY B 258 -3.97 12.44 19.68
C GLY B 258 -4.40 11.93 18.33
N VAL B 259 -5.66 11.48 18.21
CA VAL B 259 -6.21 10.96 16.96
C VAL B 259 -7.07 12.04 16.29
N ALA B 260 -6.67 12.48 15.06
CA ALA B 260 -7.41 13.49 14.29
C ALA B 260 -8.82 12.97 14.02
N ASP B 261 -9.82 13.77 14.40
CA ASP B 261 -11.23 13.41 14.31
C ASP B 261 -11.67 12.80 12.98
N GLU B 262 -11.07 13.20 11.85
CA GLU B 262 -11.45 12.63 10.55
C GLU B 262 -11.07 11.13 10.40
N ASP B 263 -10.13 10.65 11.21
CA ASP B 263 -9.66 9.27 11.21
C ASP B 263 -10.21 8.44 12.42
N ALA B 264 -11.02 9.04 13.31
CA ALA B 264 -11.56 8.39 14.50
C ALA B 264 -12.36 7.09 14.26
N HIS B 265 -13.09 6.99 13.14
CA HIS B 265 -13.81 5.76 12.79
C HIS B 265 -12.86 4.57 12.46
N ASN B 266 -11.59 4.89 12.12
CA ASN B 266 -10.59 3.89 11.77
C ASN B 266 -9.83 3.31 12.98
N ILE B 267 -10.16 3.73 14.21
CA ILE B 267 -9.51 3.20 15.40
C ILE B 267 -10.27 2.00 15.96
N GLN B 268 -9.57 0.87 16.20
CA GLN B 268 -10.16 -0.36 16.72
C GLN B 268 -10.75 -0.17 18.11
N THR B 269 -11.99 -0.65 18.31
CA THR B 269 -12.74 -0.56 19.57
C THR B 269 -13.02 -1.96 20.17
N HIS B 270 -13.38 -2.01 21.46
CA HIS B 270 -13.67 -3.26 22.14
C HIS B 270 -14.97 -3.20 22.98
N ARG B 271 -15.75 -4.28 22.93
CA ARG B 271 -17.06 -4.43 23.59
C ARG B 271 -17.11 -5.75 24.40
N ASP B 272 -18.21 -6.00 25.14
CA ASP B 272 -18.44 -7.24 25.89
C ASP B 272 -18.88 -8.38 24.92
N SER B 273 -18.36 -8.37 23.68
CA SER B 273 -18.67 -9.27 22.58
C SER B 273 -18.64 -10.77 22.91
N LEU B 274 -17.98 -11.19 24.00
CA LEU B 274 -17.95 -12.60 24.35
C LEU B 274 -19.33 -13.15 24.67
N ASP B 275 -20.08 -12.46 25.56
CA ASP B 275 -21.43 -12.91 25.89
C ASP B 275 -22.40 -12.70 24.73
N LEU B 276 -22.17 -11.67 23.89
CA LEU B 276 -22.97 -11.44 22.67
C LEU B 276 -22.81 -12.61 21.69
N LEU B 277 -21.60 -13.20 21.65
CA LEU B 277 -21.29 -14.34 20.79
C LEU B 277 -21.98 -15.63 21.31
N ASP B 278 -22.24 -15.71 22.64
CA ASP B 278 -22.91 -16.85 23.26
C ASP B 278 -24.39 -16.85 22.84
N LYS B 279 -25.05 -15.68 22.96
CA LYS B 279 -26.45 -15.48 22.60
C LYS B 279 -26.66 -15.71 21.10
N ALA B 280 -25.70 -15.30 20.26
CA ALA B 280 -25.79 -15.47 18.82
C ALA B 280 -25.79 -16.94 18.39
N ARG B 281 -24.88 -17.76 18.95
CA ARG B 281 -24.80 -19.18 18.59
C ARG B 281 -25.99 -20.01 19.13
N ALA B 282 -26.68 -19.49 20.18
CA ALA B 282 -27.83 -20.13 20.78
C ALA B 282 -29.02 -20.14 19.80
N LYS B 283 -29.23 -19.03 19.08
CA LYS B 283 -30.31 -18.93 18.09
C LYS B 283 -29.80 -19.14 16.66
C1 A1IOP C . 20.29 1.21 -4.36
C2 A1IOP C . 19.67 0.12 -5.22
C3 A1IOP C . 18.18 0.38 -5.48
N6 A1IOP C . 24.59 0.49 -11.28
C7 A1IOP C . 20.44 -3.19 -8.97
C8 A1IOP C . 19.56 -3.06 -7.92
C9 A1IOP C . 19.20 -4.90 -9.02
C10 A1IOP C . 17.65 -4.51 -7.03
C11 A1IOP C . 18.15 -4.74 -5.61
C12 A1IOP C . 23.44 -1.20 -10.18
C13 A1IOP C . 24.70 -1.82 -10.78
C14 A1IOP C . 25.57 -0.59 -11.03
C15 A1IOP C . 23.21 0.00 -11.07
C16 A1IOP C . 25.11 2.32 -8.55
O2 A1IOP C . 24.34 2.78 -12.27
S A1IOP C . 24.98 2.06 -11.21
O1 A1IOP C . 26.40 2.13 -11.05
N7 A1IOP C . 24.38 2.59 -9.79
C17 A1IOP C . 24.28 2.67 -7.37
N5 A1IOP C . 22.30 -2.12 -10.13
C6 A1IOP C . 21.38 -2.14 -9.14
N1 A1IOP C . 21.35 -1.12 -8.26
N4 A1IOP C . 20.20 -4.36 -9.67
N3 A1IOP C . 18.76 -4.18 -7.96
N2 A1IOP C . 19.50 -2.06 -7.04
C5 A1IOP C . 20.43 -1.12 -7.27
N A1IOP C . 20.46 -0.04 -6.44
O A1IOP C . 17.49 -0.87 -5.57
C4 A1IOP C . 17.89 1.22 -6.71
C A1IOP C . 21.81 1.05 -4.18
#